data_6HCZ
#
_entry.id   6HCZ
#
_cell.length_a   49.490
_cell.length_b   49.490
_cell.length_c   164.180
_cell.angle_alpha   90.00
_cell.angle_beta   90.00
_cell.angle_gamma   90.00
#
_symmetry.space_group_name_H-M   'P 43 21 2'
#
loop_
_entity.id
_entity.type
_entity.pdbx_description
1 polymer 'Sjoegren syndrome/scleroderma autoantigen 1'
2 non-polymer 'FORMIC ACID'
3 non-polymer 'ZINC ION'
4 water water
#
_entity_poly.entity_id   1
_entity_poly.type   'polypeptide(L)'
_entity_poly.pdbx_seq_one_letter_code
;MALNGAEVDDFSWEPPTEAETKVLQARRERQDRISRLMGDYLLRGYRMLGETCADCGTILLQDKQRKIYCVACQELDSDV
DKDNPALNAQAALSQAREHQLASASELPLGSRPAPQPPVPRPEHCEGAAAGLKAAQGPPAPAVPPNTDVMACTQTALLQK
LTWASAELGSSTSLETSIQLCGLIRACAEALRSLQQLQH
;
_entity_poly.pdbx_strand_id   A,B
#
# COMPACT_ATOMS: atom_id res chain seq x y z
N SER A 12 -31.30 2.86 5.30
CA SER A 12 -30.52 1.71 4.77
C SER A 12 -29.09 2.16 4.40
N TRP A 13 -28.18 1.16 4.42
CA TRP A 13 -26.78 1.35 4.62
C TRP A 13 -26.04 0.16 3.99
N GLU A 14 -26.59 -1.04 4.18
CA GLU A 14 -26.15 -2.27 3.49
C GLU A 14 -24.79 -2.72 4.00
N PRO A 15 -24.60 -4.03 4.30
CA PRO A 15 -23.28 -4.55 4.63
C PRO A 15 -22.28 -4.45 3.50
N PRO A 16 -20.97 -4.58 3.81
CA PRO A 16 -19.96 -4.92 2.80
C PRO A 16 -20.23 -6.32 2.23
N THR A 17 -19.90 -6.52 0.95
CA THR A 17 -20.18 -7.77 0.28
C THR A 17 -19.02 -8.73 0.53
N GLU A 18 -19.27 -9.99 0.13
CA GLU A 18 -18.30 -11.08 0.21
C GLU A 18 -17.04 -10.68 -0.57
N ALA A 19 -17.27 -10.21 -1.80
CA ALA A 19 -16.28 -9.66 -2.72
C ALA A 19 -15.38 -8.62 -2.04
N GLU A 20 -16.00 -7.58 -1.48
CA GLU A 20 -15.32 -6.47 -0.87
C GLU A 20 -14.38 -6.97 0.22
N THR A 21 -14.89 -7.80 1.13
CA THR A 21 -14.09 -8.15 2.29
C THR A 21 -12.98 -9.11 1.88
N LYS A 22 -13.15 -9.79 0.74
CA LYS A 22 -12.07 -10.57 0.18
C LYS A 22 -10.97 -9.63 -0.33
N VAL A 23 -11.37 -8.62 -1.12
CA VAL A 23 -10.41 -7.73 -1.75
C VAL A 23 -9.63 -7.03 -0.63
N LEU A 24 -10.35 -6.66 0.43
CA LEU A 24 -9.71 -5.99 1.56
C LEU A 24 -8.63 -6.85 2.20
N GLN A 25 -8.92 -8.13 2.40
CA GLN A 25 -8.00 -9.02 3.11
C GLN A 25 -6.76 -9.22 2.23
N ALA A 26 -7.03 -9.39 0.92
CA ALA A 26 -6.03 -9.46 -0.13
C ALA A 26 -5.09 -8.25 -0.09
N ARG A 27 -5.65 -7.03 -0.03
CA ARG A 27 -4.85 -5.78 -0.15
C ARG A 27 -3.96 -5.68 1.08
N ARG A 28 -4.54 -6.07 2.21
CA ARG A 28 -3.90 -6.09 3.44
C ARG A 28 -2.74 -7.11 3.41
N GLU A 29 -2.97 -8.30 2.86
CA GLU A 29 -1.89 -9.31 2.73
C GLU A 29 -0.80 -8.79 1.79
N ARG A 30 -1.19 -8.28 0.63
CA ARG A 30 -0.25 -7.71 -0.34
C ARG A 30 0.69 -6.75 0.39
N GLN A 31 0.11 -5.81 1.13
CA GLN A 31 0.87 -4.78 1.70
C GLN A 31 1.81 -5.35 2.74
N ASP A 32 1.37 -6.36 3.48
CA ASP A 32 2.22 -6.94 4.50
C ASP A 32 3.42 -7.62 3.86
N ARG A 33 3.17 -8.31 2.75
CA ARG A 33 4.21 -8.98 1.98
C ARG A 33 5.15 -7.96 1.37
N ILE A 34 4.62 -6.87 0.81
CA ILE A 34 5.51 -5.82 0.26
C ILE A 34 6.48 -5.37 1.36
N SER A 35 5.97 -5.16 2.57
CA SER A 35 6.85 -4.63 3.63
C SER A 35 7.92 -5.66 4.02
N ARG A 36 7.51 -6.92 4.13
CA ARG A 36 8.37 -8.01 4.50
C ARG A 36 9.47 -8.17 3.43
N LEU A 37 9.05 -8.18 2.17
CA LEU A 37 9.99 -8.26 1.05
C LEU A 37 10.92 -7.06 1.03
N MET A 38 10.35 -5.86 1.22
CA MET A 38 11.17 -4.68 1.16
C MET A 38 12.25 -4.83 2.21
N GLY A 39 11.85 -5.13 3.45
CA GLY A 39 12.77 -5.30 4.62
C GLY A 39 13.91 -6.30 4.35
N ASP A 40 13.55 -7.40 3.70
CA ASP A 40 14.46 -8.44 3.52
C ASP A 40 15.55 -7.98 2.56
N TYR A 41 15.15 -7.42 1.43
CA TYR A 41 16.05 -6.80 0.43
C TYR A 41 16.93 -5.73 1.09
N LEU A 42 16.38 -4.95 2.03
CA LEU A 42 17.20 -3.96 2.69
C LEU A 42 18.33 -4.66 3.45
N LEU A 43 18.01 -5.79 4.06
CA LEU A 43 18.93 -6.47 4.97
C LEU A 43 19.98 -7.26 4.14
N ARG A 44 19.68 -7.51 2.87
CA ARG A 44 20.49 -8.31 1.98
C ARG A 44 21.30 -7.44 0.99
N GLY A 45 21.32 -6.12 1.17
CA GLY A 45 22.28 -5.27 0.42
C GLY A 45 21.66 -4.26 -0.55
N TYR A 46 20.32 -4.15 -0.56
CA TYR A 46 19.64 -3.26 -1.45
C TYR A 46 19.39 -1.95 -0.72
N ARG A 47 19.51 -0.81 -1.43
CA ARG A 47 19.40 0.48 -0.80
C ARG A 47 18.09 1.12 -1.26
N MET A 48 17.44 1.82 -0.34
CA MET A 48 16.12 2.43 -0.58
C MET A 48 16.30 3.67 -1.46
N LEU A 49 15.40 3.89 -2.42
CA LEU A 49 15.39 5.15 -3.19
C LEU A 49 14.35 6.09 -2.56
N GLY A 50 14.52 7.40 -2.75
CA GLY A 50 13.55 8.41 -2.35
C GLY A 50 12.54 8.60 -3.45
N GLU A 51 11.84 7.53 -3.81
CA GLU A 51 11.08 7.52 -5.01
C GLU A 51 10.18 6.27 -5.02
N THR A 52 8.95 6.45 -5.50
CA THR A 52 7.92 5.44 -5.57
C THR A 52 7.67 4.99 -7.01
N CYS A 53 7.36 3.71 -7.11
CA CYS A 53 7.04 3.07 -8.33
C CYS A 53 5.89 3.83 -8.99
N ALA A 54 6.06 4.17 -10.26
CA ALA A 54 5.12 5.02 -11.00
C ALA A 54 3.84 4.22 -11.33
N ASP A 55 3.97 2.90 -11.55
CA ASP A 55 2.83 1.98 -11.73
C ASP A 55 2.03 1.82 -10.43
N CYS A 56 2.70 1.57 -9.28
CA CYS A 56 2.00 0.98 -8.10
C CYS A 56 2.19 1.76 -6.77
N GLY A 57 3.11 2.73 -6.69
CA GLY A 57 3.20 3.59 -5.50
C GLY A 57 4.23 3.14 -4.47
N THR A 58 4.70 1.89 -4.56
CA THR A 58 5.67 1.32 -3.63
C THR A 58 7.04 2.02 -3.70
N ILE A 59 7.67 2.22 -2.54
CA ILE A 59 9.05 2.73 -2.51
C ILE A 59 9.94 1.76 -3.29
N LEU A 60 10.90 2.32 -4.01
CA LEU A 60 11.77 1.59 -4.90
C LEU A 60 13.10 1.32 -4.19
N LEU A 61 13.79 0.28 -4.67
CA LEU A 61 15.11 -0.08 -4.19
C LEU A 61 16.09 -0.09 -5.37
N GLN A 62 17.39 -0.02 -5.08
CA GLN A 62 18.39 -0.43 -6.08
C GLN A 62 19.29 -1.53 -5.48
N ASP A 63 19.64 -2.49 -6.34
CA ASP A 63 20.55 -3.53 -6.00
C ASP A 63 21.97 -2.99 -6.23
N LYS A 64 22.96 -3.84 -5.94
CA LYS A 64 24.38 -3.43 -5.91
C LYS A 64 24.92 -3.12 -7.31
N GLN A 65 24.17 -3.47 -8.35
CA GLN A 65 24.53 -3.12 -9.72
C GLN A 65 23.71 -1.92 -10.21
N ARG A 66 23.07 -1.23 -9.26
CA ARG A 66 22.29 -0.03 -9.51
C ARG A 66 21.08 -0.28 -10.41
N LYS A 67 20.56 -1.51 -10.51
CA LYS A 67 19.23 -1.69 -11.13
C LYS A 67 18.19 -1.23 -10.11
N ILE A 68 17.20 -0.49 -10.60
CA ILE A 68 16.07 -0.07 -9.80
C ILE A 68 15.08 -1.23 -9.83
N TYR A 69 14.33 -1.40 -8.73
CA TYR A 69 13.63 -2.62 -8.36
C TYR A 69 12.41 -2.28 -7.50
N CYS A 70 11.21 -2.61 -8.01
CA CYS A 70 9.95 -2.52 -7.29
C CYS A 70 9.50 -3.92 -6.86
N VAL A 71 9.48 -4.16 -5.53
CA VAL A 71 9.18 -5.47 -4.94
C VAL A 71 7.75 -5.89 -5.30
N ALA A 72 6.84 -4.92 -5.38
CA ALA A 72 5.48 -5.23 -5.74
C ALA A 72 5.47 -5.67 -7.20
N CYS A 73 5.95 -4.78 -8.07
CA CYS A 73 5.80 -5.01 -9.49
C CYS A 73 6.65 -6.21 -9.92
N GLN A 74 7.90 -6.30 -9.46
CA GLN A 74 8.83 -7.29 -9.99
C GLN A 74 8.91 -8.52 -9.06
N GLU A 75 7.89 -8.73 -8.23
CA GLU A 75 7.80 -9.98 -7.44
C GLU A 75 6.37 -10.28 -6.99
N LEU A 76 5.36 -9.54 -7.48
CA LEU A 76 3.94 -9.73 -7.11
C LEU A 76 3.04 -9.04 -8.13
N TRP B 13 26.34 -7.42 2.38
CA TRP B 13 25.58 -6.74 3.47
C TRP B 13 26.47 -5.68 4.14
N GLU B 14 25.90 -4.47 4.22
CA GLU B 14 26.12 -3.57 5.33
C GLU B 14 24.74 -3.37 5.94
N PRO B 15 24.62 -2.85 7.17
CA PRO B 15 23.31 -2.78 7.80
C PRO B 15 22.46 -1.76 7.04
N PRO B 16 21.12 -1.90 7.00
CA PRO B 16 20.29 -0.85 6.45
C PRO B 16 20.59 0.42 7.26
N THR B 17 20.44 1.60 6.63
CA THR B 17 20.60 2.86 7.37
C THR B 17 19.42 3.05 8.33
N GLU B 18 19.60 3.88 9.34
CA GLU B 18 18.53 4.18 10.30
C GLU B 18 17.36 4.86 9.54
N ALA B 19 17.72 5.63 8.51
CA ALA B 19 16.76 6.30 7.64
C ALA B 19 15.84 5.27 7.00
N GLU B 20 16.46 4.24 6.39
CA GLU B 20 15.73 3.22 5.70
C GLU B 20 14.87 2.45 6.70
N THR B 21 15.30 2.35 7.96
CA THR B 21 14.51 1.55 8.90
C THR B 21 13.27 2.34 9.32
N LYS B 22 13.39 3.66 9.45
CA LYS B 22 12.26 4.53 9.84
C LYS B 22 11.23 4.61 8.70
N VAL B 23 11.73 4.80 7.48
CA VAL B 23 10.88 4.88 6.35
C VAL B 23 10.14 3.54 6.20
N LEU B 24 10.82 2.41 6.42
CA LEU B 24 10.15 1.11 6.24
C LEU B 24 9.07 0.92 7.31
N GLN B 25 9.35 1.32 8.55
CA GLN B 25 8.41 1.18 9.63
C GLN B 25 7.24 2.15 9.41
N ALA B 26 7.52 3.34 8.87
CA ALA B 26 6.48 4.35 8.57
C ALA B 26 5.51 3.80 7.51
N ARG B 27 6.12 3.26 6.48
CA ARG B 27 5.45 2.75 5.33
C ARG B 27 4.53 1.62 5.76
N ARG B 28 5.01 0.83 6.71
CA ARG B 28 4.29 -0.27 7.32
C ARG B 28 3.07 0.30 8.04
N GLU B 29 3.27 1.29 8.92
CA GLU B 29 2.21 1.82 9.75
C GLU B 29 1.14 2.44 8.87
N ARG B 30 1.58 3.19 7.86
CA ARG B 30 0.71 3.81 6.92
C ARG B 30 -0.22 2.80 6.23
N GLN B 31 0.35 1.72 5.73
CA GLN B 31 -0.42 0.78 4.99
C GLN B 31 -1.42 0.13 5.96
N ASP B 32 -0.98 -0.13 7.19
CA ASP B 32 -1.86 -0.69 8.20
C ASP B 32 -3.07 0.24 8.39
N ARG B 33 -2.81 1.55 8.44
CA ARG B 33 -3.84 2.56 8.68
C ARG B 33 -4.80 2.62 7.49
N ILE B 34 -4.25 2.49 6.28
CA ILE B 34 -5.06 2.60 5.08
C ILE B 34 -6.03 1.42 5.04
N SER B 35 -5.54 0.20 5.29
CA SER B 35 -6.41 -0.99 5.37
C SER B 35 -7.49 -0.79 6.44
N ARG B 36 -7.14 -0.19 7.59
CA ARG B 36 -8.07 -0.05 8.68
C ARG B 36 -9.14 0.98 8.29
N LEU B 37 -8.76 2.10 7.67
CA LEU B 37 -9.76 3.09 7.19
C LEU B 37 -10.68 2.55 6.07
N MET B 38 -10.10 1.83 5.11
CA MET B 38 -10.85 1.27 4.05
C MET B 38 -11.90 0.32 4.66
N GLY B 39 -11.45 -0.56 5.57
CA GLY B 39 -12.35 -1.45 6.29
C GLY B 39 -13.46 -0.67 7.00
N ASP B 40 -13.09 0.40 7.70
CA ASP B 40 -14.05 1.20 8.46
C ASP B 40 -15.15 1.72 7.54
N TYR B 41 -14.77 2.29 6.41
CA TYR B 41 -15.73 2.87 5.50
C TYR B 41 -16.56 1.81 4.80
N LEU B 42 -15.97 0.66 4.49
CA LEU B 42 -16.75 -0.47 3.96
C LEU B 42 -17.81 -0.87 5.00
N LEU B 43 -17.40 -0.91 6.28
CA LEU B 43 -18.32 -1.29 7.36
C LEU B 43 -19.40 -0.23 7.49
N ARG B 44 -19.03 1.06 7.31
CA ARG B 44 -19.98 2.19 7.34
C ARG B 44 -20.81 2.28 6.06
N GLY B 45 -20.62 1.34 5.13
CA GLY B 45 -21.55 1.23 3.97
C GLY B 45 -21.02 1.72 2.63
N TYR B 46 -19.76 2.18 2.55
CA TYR B 46 -19.13 2.67 1.26
C TYR B 46 -18.99 1.47 0.29
N ARG B 47 -19.02 1.72 -1.02
CA ARG B 47 -18.81 0.66 -2.00
C ARG B 47 -17.33 0.65 -2.42
N MET B 48 -16.72 -0.55 -2.42
CA MET B 48 -15.45 -0.74 -3.11
C MET B 48 -15.66 -0.67 -4.63
N LEU B 49 -14.79 0.07 -5.33
CA LEU B 49 -14.72 0.09 -6.82
C LEU B 49 -13.58 -0.82 -7.29
N GLY B 50 -13.63 -1.20 -8.57
CA GLY B 50 -12.56 -1.95 -9.22
C GLY B 50 -11.52 -1.05 -9.87
N GLU B 51 -11.28 0.12 -9.26
CA GLU B 51 -10.28 1.08 -9.72
C GLU B 51 -9.42 1.47 -8.52
N THR B 52 -8.18 1.85 -8.83
CA THR B 52 -7.22 2.35 -7.86
C THR B 52 -6.95 3.83 -8.11
N CYS B 53 -6.61 4.54 -7.05
CA CYS B 53 -6.20 5.94 -7.08
C CYS B 53 -5.02 6.08 -8.01
N ALA B 54 -5.09 7.01 -8.98
CA ALA B 54 -3.98 7.25 -9.93
C ALA B 54 -2.75 7.83 -9.22
N ASP B 55 -2.93 8.52 -8.10
CA ASP B 55 -1.82 9.19 -7.37
C ASP B 55 -1.03 8.26 -6.44
N CYS B 56 -1.69 7.34 -5.73
CA CYS B 56 -1.01 6.59 -4.67
C CYS B 56 -1.21 5.08 -4.77
N GLY B 57 -2.12 4.62 -5.62
CA GLY B 57 -2.29 3.21 -5.90
C GLY B 57 -3.39 2.57 -5.06
N THR B 58 -3.97 3.31 -4.11
CA THR B 58 -4.96 2.78 -3.16
C THR B 58 -6.30 2.52 -3.86
N ILE B 59 -6.90 1.35 -3.58
CA ILE B 59 -8.27 1.01 -4.03
C ILE B 59 -9.23 2.11 -3.59
N LEU B 60 -10.13 2.49 -4.49
CA LEU B 60 -11.05 3.62 -4.32
C LEU B 60 -12.39 3.08 -3.81
N LEU B 61 -13.06 3.91 -3.02
CA LEU B 61 -14.35 3.60 -2.43
C LEU B 61 -15.32 4.64 -2.96
N GLN B 62 -16.60 4.28 -3.01
CA GLN B 62 -17.64 5.22 -3.41
C GLN B 62 -18.69 5.31 -2.31
N ASP B 63 -19.10 6.54 -2.00
CA ASP B 63 -20.09 6.85 -1.01
C ASP B 63 -21.39 7.15 -1.78
N LYS B 64 -22.32 6.17 -1.78
CA LYS B 64 -23.62 6.24 -2.51
C LYS B 64 -23.39 6.76 -3.93
N GLN B 65 -24.12 7.81 -4.36
CA GLN B 65 -23.80 8.54 -5.58
C GLN B 65 -23.36 9.98 -5.23
N ARG B 66 -22.72 10.14 -4.07
CA ARG B 66 -22.19 11.41 -3.59
C ARG B 66 -20.75 11.59 -4.06
N LYS B 67 -19.88 10.62 -3.76
CA LYS B 67 -18.46 10.80 -4.07
C LYS B 67 -17.69 9.48 -4.13
N ILE B 68 -16.50 9.61 -4.73
CA ILE B 68 -15.44 8.63 -4.77
C ILE B 68 -14.37 9.11 -3.77
N TYR B 69 -13.78 8.17 -3.07
CA TYR B 69 -12.93 8.51 -1.97
C TYR B 69 -11.69 7.62 -1.98
N CYS B 70 -10.54 8.28 -1.79
CA CYS B 70 -9.26 7.64 -1.53
C CYS B 70 -8.86 7.91 -0.07
N VAL B 71 -8.77 6.83 0.73
CA VAL B 71 -8.61 6.99 2.18
C VAL B 71 -7.21 7.56 2.49
N ALA B 72 -6.26 7.26 1.60
CA ALA B 72 -4.89 7.71 1.71
C ALA B 72 -4.84 9.21 1.40
N CYS B 73 -5.10 9.53 0.12
CA CYS B 73 -4.96 10.88 -0.39
C CYS B 73 -5.83 11.85 0.40
N GLN B 74 -7.12 11.50 0.58
CA GLN B 74 -8.08 12.46 1.10
C GLN B 74 -8.22 12.38 2.62
N GLU B 75 -7.44 11.56 3.34
CA GLU B 75 -7.54 11.54 4.83
C GLU B 75 -6.17 11.40 5.54
N LEU B 76 -5.38 10.40 5.19
CA LEU B 76 -4.11 10.14 5.92
C LEU B 76 -2.98 11.00 5.34
N ASP B 77 -2.91 11.07 4.00
CA ASP B 77 -1.92 11.80 3.16
C ASP B 77 -0.85 10.83 2.62
#